data_3RMW
#
_entry.id   3RMW
#
_cell.length_a   56.650
_cell.length_b   100.610
_cell.length_c   49.100
_cell.angle_alpha   90.00
_cell.angle_beta   90.00
_cell.angle_gamma   90.00
#
_symmetry.space_group_name_H-M   'P 21 21 2'
#
loop_
_entity.id
_entity.type
_entity.pdbx_description
1 polymer Glycogenin-1
2 non-polymer "URIDINE-5'-DIPHOSPHATE-GLUCOSE"
3 non-polymer 'MANGANESE (II) ION'
4 non-polymer 'MAGNESIUM ION'
5 non-polymer 1,2-ETHANEDIOL
6 water water
#
_entity_poly.entity_id   1
_entity_poly.type   'polypeptide(L)'
_entity_poly.pdbx_seq_one_letter_code
;SMTDQAFVTLTTNDAYAKGALVLGSSLKQHRTTRRLVVLATPQVSDSMRKVLETVFDEVIMVDVLDSGDSAHLTLMKRPE
LGVMLTKLHCWSLTQYSKCVFMDADTLVLANIDDLFDREELSAAPDPGWPDCFNSGVFVYQPSVETYNQLLHLASEQGSF
DGGDQGILNTFFSSWATTDIRKHLPFIYNLSSISIYSYLPAFKVFGASAKVVHFLGRVKPWNYTYDPKTKSVKSEAHDPN
MTHPEFLILWWNIFTTNVLPLLQ
;
_entity_poly.pdbx_strand_id   A
#
loop_
_chem_comp.id
_chem_comp.type
_chem_comp.name
_chem_comp.formula
EDO non-polymer 1,2-ETHANEDIOL 'C2 H6 O2'
MG non-polymer 'MAGNESIUM ION' 'Mg 2'
MN non-polymer 'MANGANESE (II) ION' 'Mn 2'
UPG non-polymer URIDINE-5'-DIPHOSPHATE-GLUCOSE 'C15 H24 N2 O17 P2'
#
# COMPACT_ATOMS: atom_id res chain seq x y z
N SER A 1 -11.63 0.72 -17.37
CA SER A 1 -12.74 -0.25 -17.60
C SER A 1 -13.68 -0.29 -16.39
N MET A 2 -13.17 -0.76 -15.25
CA MET A 2 -13.87 -0.61 -14.00
C MET A 2 -13.39 0.69 -13.40
N THR A 3 -13.79 1.81 -14.03
CA THR A 3 -13.18 3.12 -13.72
C THR A 3 -13.57 3.62 -12.32
N ASP A 4 -14.47 2.87 -11.69
CA ASP A 4 -15.10 3.18 -10.44
C ASP A 4 -14.31 2.58 -9.26
N GLN A 5 -13.33 1.75 -9.57
CA GLN A 5 -12.59 1.01 -8.57
C GLN A 5 -11.09 1.08 -8.88
N ALA A 6 -10.30 1.14 -7.82
CA ALA A 6 -8.84 1.41 -7.90
C ALA A 6 -8.03 0.67 -6.86
N PHE A 7 -6.82 0.22 -7.25
CA PHE A 7 -5.71 0.04 -6.33
C PHE A 7 -5.03 1.38 -6.05
N VAL A 8 -4.88 1.67 -4.76
CA VAL A 8 -4.27 2.93 -4.31
C VAL A 8 -3.03 2.64 -3.50
N THR A 9 -1.92 3.31 -3.83
CA THR A 9 -0.71 3.22 -3.04
C THR A 9 -0.23 4.62 -2.71
N LEU A 10 0.93 4.71 -2.07
CA LEU A 10 1.39 5.93 -1.43
C LEU A 10 2.86 6.01 -1.52
N THR A 11 3.38 7.14 -1.96
CA THR A 11 4.79 7.44 -1.79
C THR A 11 5.06 8.88 -1.44
N THR A 12 5.87 9.08 -0.37
CA THR A 12 6.28 10.42 0.06
C THR A 12 7.72 10.77 -0.30
N ASN A 13 8.42 9.86 -0.98
CA ASN A 13 9.79 10.13 -1.44
C ASN A 13 10.16 9.23 -2.63
N ASP A 14 11.31 9.51 -3.25
CA ASP A 14 11.74 8.77 -4.43
C ASP A 14 12.08 7.29 -4.15
N ALA A 15 12.41 6.97 -2.90
CA ALA A 15 12.79 5.60 -2.55
C ALA A 15 11.58 4.69 -2.60
N TYR A 16 10.53 5.09 -1.89
CA TYR A 16 9.31 4.32 -1.89
C TYR A 16 8.63 4.38 -3.26
N ALA A 17 8.90 5.44 -4.04
CA ALA A 17 8.44 5.52 -5.44
C ALA A 17 8.89 4.29 -6.22
N LYS A 18 10.09 3.80 -5.93
CA LYS A 18 10.61 2.66 -6.65
C LYS A 18 9.78 1.44 -6.31
N GLY A 19 9.40 1.32 -5.04
CA GLY A 19 8.47 0.31 -4.61
C GLY A 19 7.13 0.39 -5.33
N ALA A 20 6.54 1.58 -5.39
CA ALA A 20 5.23 1.79 -6.09
C ALA A 20 5.34 1.38 -7.58
N LEU A 21 6.44 1.71 -8.21
CA LEU A 21 6.65 1.31 -9.60
C LEU A 21 6.66 -0.22 -9.80
N VAL A 22 7.31 -0.93 -8.87
CA VAL A 22 7.26 -2.39 -8.91
C VAL A 22 5.89 -2.95 -8.61
N LEU A 23 5.23 -2.43 -7.58
CA LEU A 23 3.87 -2.83 -7.27
C LEU A 23 2.98 -2.62 -8.50
N GLY A 24 2.95 -1.39 -9.01
CA GLY A 24 2.08 -1.04 -10.16
C GLY A 24 2.38 -1.87 -11.36
N SER A 25 3.66 -2.08 -11.66
CA SER A 25 4.02 -2.91 -12.78
CA SER A 25 4.04 -2.92 -12.77
C SER A 25 3.55 -4.36 -12.56
N SER A 26 3.55 -4.84 -11.31
CA SER A 26 3.13 -6.22 -11.04
C SER A 26 1.61 -6.37 -11.21
N LEU A 27 0.87 -5.34 -10.84
CA LEU A 27 -0.57 -5.37 -11.06
C LEU A 27 -0.91 -5.35 -12.54
N LYS A 28 -0.17 -4.56 -13.32
CA LYS A 28 -0.36 -4.53 -14.78
C LYS A 28 -0.03 -5.89 -15.36
N GLN A 29 1.13 -6.39 -14.99
CA GLN A 29 1.59 -7.71 -15.45
C GLN A 29 0.51 -8.77 -15.24
N HIS A 30 -0.22 -8.71 -14.12
CA HIS A 30 -1.25 -9.74 -13.84
C HIS A 30 -2.64 -9.29 -14.24
N ARG A 31 -2.64 -8.31 -15.16
CA ARG A 31 -3.78 -7.84 -15.92
C ARG A 31 -4.97 -7.43 -15.06
N THR A 32 -4.74 -6.48 -14.17
CA THR A 32 -5.87 -5.88 -13.43
C THR A 32 -6.79 -5.13 -14.39
N THR A 33 -8.09 -5.18 -14.13
CA THR A 33 -9.03 -4.40 -14.91
C THR A 33 -9.34 -3.07 -14.22
N ARG A 34 -8.72 -2.86 -13.05
CA ARG A 34 -8.99 -1.68 -12.24
C ARG A 34 -7.98 -0.59 -12.51
N ARG A 35 -8.29 0.60 -12.02
CA ARG A 35 -7.38 1.75 -12.10
C ARG A 35 -6.25 1.62 -11.09
N LEU A 36 -5.14 2.28 -11.41
CA LEU A 36 -3.96 2.30 -10.58
C LEU A 36 -3.72 3.73 -10.17
N VAL A 37 -3.75 3.97 -8.87
CA VAL A 37 -3.60 5.28 -8.28
C VAL A 37 -2.42 5.31 -7.28
N VAL A 38 -1.57 6.33 -7.39
CA VAL A 38 -0.54 6.62 -6.38
C VAL A 38 -0.76 8.00 -5.81
N LEU A 39 -0.93 8.05 -4.49
CA LEU A 39 -0.82 9.30 -3.73
C LEU A 39 0.67 9.66 -3.61
N ALA A 40 1.02 10.87 -4.02
CA ALA A 40 2.43 11.33 -4.00
C ALA A 40 2.53 12.69 -3.30
N THR A 41 3.67 13.01 -2.70
CA THR A 41 3.81 14.33 -2.07
C THR A 41 4.80 15.18 -2.86
N PRO A 42 4.95 16.46 -2.49
CA PRO A 42 5.87 17.29 -3.26
C PRO A 42 7.34 16.94 -3.04
N GLN A 43 7.60 16.11 -2.04
CA GLN A 43 8.93 15.57 -1.78
C GLN A 43 9.35 14.54 -2.86
N VAL A 44 8.38 13.93 -3.53
CA VAL A 44 8.65 13.11 -4.71
C VAL A 44 9.11 14.02 -5.85
N SER A 45 10.29 13.74 -6.43
CA SER A 45 10.82 14.60 -7.48
C SER A 45 9.91 14.60 -8.73
N ASP A 46 9.86 15.76 -9.41
CA ASP A 46 9.12 15.90 -10.67
C ASP A 46 9.54 14.81 -11.64
N SER A 47 10.84 14.57 -11.73
CA SER A 47 11.38 13.55 -12.64
C SER A 47 10.83 12.16 -12.27
N MET A 48 10.69 11.85 -10.98
CA MET A 48 10.13 10.55 -10.57
C MET A 48 8.63 10.46 -10.82
N ARG A 49 7.93 11.57 -10.64
CA ARG A 49 6.52 11.59 -10.96
C ARG A 49 6.31 11.28 -12.42
N LYS A 50 7.20 11.72 -13.30
CA LYS A 50 7.10 11.39 -14.72
C LYS A 50 7.22 9.89 -14.94
N VAL A 51 8.09 9.22 -14.19
CA VAL A 51 8.14 7.77 -14.24
C VAL A 51 6.88 7.17 -13.64
N LEU A 52 6.36 7.71 -12.52
CA LEU A 52 5.12 7.16 -11.94
C LEU A 52 3.93 7.22 -12.92
N GLU A 53 3.87 8.27 -13.73
CA GLU A 53 2.77 8.43 -14.70
C GLU A 53 2.78 7.40 -15.82
N THR A 54 3.91 6.74 -16.06
CA THR A 54 4.00 5.66 -17.03
C THR A 54 3.39 4.37 -16.50
N VAL A 55 3.28 4.22 -15.17
CA VAL A 55 2.72 2.99 -14.56
C VAL A 55 1.29 3.27 -14.02
N PHE A 56 1.11 4.42 -13.38
CA PHE A 56 -0.14 4.74 -12.70
C PHE A 56 -1.10 5.57 -13.58
N ASP A 57 -2.37 5.22 -13.53
CA ASP A 57 -3.39 5.99 -14.20
C ASP A 57 -3.61 7.36 -13.56
N GLU A 58 -3.47 7.46 -12.23
CA GLU A 58 -3.54 8.75 -11.53
C GLU A 58 -2.36 8.93 -10.57
N VAL A 59 -1.62 10.02 -10.71
CA VAL A 59 -0.65 10.42 -9.70
C VAL A 59 -1.25 11.62 -8.99
N ILE A 60 -1.70 11.40 -7.76
CA ILE A 60 -2.54 12.37 -7.09
C ILE A 60 -1.69 13.01 -6.02
N MET A 61 -1.51 14.32 -6.12
CA MET A 61 -0.58 15.04 -5.24
C MET A 61 -1.29 15.35 -3.95
N VAL A 62 -0.65 15.05 -2.82
CA VAL A 62 -1.20 15.39 -1.50
C VAL A 62 -0.11 16.09 -0.71
N ASP A 63 -0.44 17.25 -0.12
CA ASP A 63 0.55 18.01 0.61
C ASP A 63 -0.05 18.47 1.94
N VAL A 64 0.14 17.65 2.98
CA VAL A 64 -0.37 18.00 4.32
C VAL A 64 0.26 19.26 4.92
N LEU A 65 1.35 19.76 4.33
CA LEU A 65 1.99 20.98 4.80
C LEU A 65 1.30 22.23 4.24
N ASP A 66 0.43 22.03 3.25
CA ASP A 66 -0.32 23.11 2.65
C ASP A 66 -1.53 23.39 3.55
N SER A 67 -1.68 24.64 3.98
CA SER A 67 -2.84 25.04 4.82
C SER A 67 -4.20 24.81 4.16
N GLY A 68 -4.21 24.60 2.84
CA GLY A 68 -5.46 24.22 2.15
C GLY A 68 -5.79 22.74 2.24
N ASP A 69 -4.85 21.92 2.71
CA ASP A 69 -5.12 20.48 2.88
C ASP A 69 -6.01 20.17 4.08
N SER A 70 -6.95 19.25 3.88
CA SER A 70 -7.92 18.81 4.90
C SER A 70 -7.25 18.27 6.19
N ALA A 71 -6.04 17.71 6.08
CA ALA A 71 -5.31 17.14 7.23
C ALA A 71 -4.37 18.14 7.93
N HIS A 72 -4.24 19.34 7.38
CA HIS A 72 -3.28 20.31 7.90
C HIS A 72 -3.48 20.68 9.37
N LEU A 73 -4.71 20.93 9.81
CA LEU A 73 -4.95 21.27 11.21
C LEU A 73 -4.55 20.10 12.12
N THR A 74 -4.82 18.88 11.67
CA THR A 74 -4.43 17.67 12.41
C THR A 74 -2.90 17.54 12.51
N LEU A 75 -2.19 17.85 11.42
CA LEU A 75 -0.74 17.84 11.42
C LEU A 75 -0.16 18.84 12.43
N MET A 76 -0.78 20.01 12.57
CA MET A 76 -0.29 20.93 13.56
C MET A 76 -0.43 20.45 15.01
N LYS A 77 -1.38 19.57 15.26
CA LYS A 77 -1.48 18.88 16.57
C LYS A 77 -0.45 17.73 16.65
N ARG A 78 -0.30 17.02 15.55
CA ARG A 78 0.53 15.80 15.49
C ARG A 78 1.53 15.94 14.35
N PRO A 79 2.54 16.81 14.52
CA PRO A 79 3.48 17.09 13.42
C PRO A 79 4.34 15.90 13.02
N GLU A 80 4.34 14.87 13.87
CA GLU A 80 5.14 13.66 13.64
C GLU A 80 4.45 12.65 12.74
N LEU A 81 3.20 12.93 12.34
CA LEU A 81 2.40 11.97 11.63
C LEU A 81 2.11 12.32 10.17
N GLY A 82 3.02 13.07 9.53
CA GLY A 82 2.84 13.49 8.15
C GLY A 82 2.56 12.37 7.18
N VAL A 83 3.35 11.30 7.28
CA VAL A 83 3.17 10.21 6.38
C VAL A 83 1.83 9.51 6.56
N MET A 84 1.46 9.24 7.80
CA MET A 84 0.19 8.58 8.14
CA MET A 84 0.20 8.53 8.02
C MET A 84 -0.99 9.45 7.67
N LEU A 85 -0.85 10.76 7.87
CA LEU A 85 -1.93 11.69 7.51
C LEU A 85 -2.09 11.74 5.99
N THR A 86 -0.98 11.56 5.26
CA THR A 86 -1.02 11.50 3.80
C THR A 86 -1.76 10.25 3.37
N LYS A 87 -1.39 9.13 3.99
CA LYS A 87 -2.03 7.86 3.71
C LYS A 87 -3.55 7.92 3.90
N LEU A 88 -4.01 8.56 4.98
CA LEU A 88 -5.45 8.60 5.28
C LEU A 88 -6.28 9.28 4.16
N HIS A 89 -5.63 10.11 3.36
CA HIS A 89 -6.28 10.71 2.18
C HIS A 89 -6.79 9.68 1.20
N CYS A 90 -6.36 8.42 1.33
CA CYS A 90 -6.91 7.36 0.50
C CYS A 90 -8.47 7.32 0.63
N TRP A 91 -8.99 7.63 1.82
CA TRP A 91 -10.43 7.72 2.06
C TRP A 91 -11.14 8.93 1.40
N SER A 92 -10.36 9.92 0.97
CA SER A 92 -10.88 11.15 0.36
CA SER A 92 -10.91 11.14 0.36
C SER A 92 -11.15 10.96 -1.13
N LEU A 93 -10.77 9.81 -1.68
CA LEU A 93 -10.89 9.55 -3.13
C LEU A 93 -12.27 9.10 -3.52
N THR A 94 -13.25 9.98 -3.34
CA THR A 94 -14.65 9.65 -3.47
C THR A 94 -15.15 9.55 -4.94
N GLN A 95 -14.30 9.86 -5.90
CA GLN A 95 -14.56 9.48 -7.31
C GLN A 95 -14.57 7.92 -7.48
N TYR A 96 -14.02 7.17 -6.51
CA TYR A 96 -14.11 5.68 -6.54
C TYR A 96 -15.09 5.17 -5.49
N SER A 97 -15.85 4.12 -5.84
CA SER A 97 -16.80 3.50 -4.91
C SER A 97 -16.13 2.46 -3.99
N LYS A 98 -15.02 1.91 -4.43
CA LYS A 98 -14.27 0.90 -3.67
C LYS A 98 -12.84 0.86 -4.11
N CYS A 99 -11.93 0.71 -3.16
CA CYS A 99 -10.51 0.64 -3.46
C CYS A 99 -9.81 -0.42 -2.64
N VAL A 100 -8.66 -0.85 -3.11
CA VAL A 100 -7.73 -1.66 -2.31
C VAL A 100 -6.52 -0.78 -2.11
N PHE A 101 -6.27 -0.38 -0.86
CA PHE A 101 -5.00 0.21 -0.52
C PHE A 101 -3.92 -0.86 -0.45
N MET A 102 -2.78 -0.59 -1.06
CA MET A 102 -1.60 -1.41 -0.89
C MET A 102 -0.36 -0.54 -0.61
N ASP A 103 0.40 -0.91 0.43
CA ASP A 103 1.73 -0.35 0.72
C ASP A 103 2.66 -0.38 -0.51
N ALA A 104 3.56 0.60 -0.59
CA ALA A 104 4.48 0.68 -1.70
C ALA A 104 5.55 -0.40 -1.63
N ASP A 105 5.67 -1.06 -0.46
CA ASP A 105 6.57 -2.20 -0.27
C ASP A 105 5.88 -3.55 -0.41
N THR A 106 4.90 -3.59 -1.31
CA THR A 106 4.27 -4.85 -1.68
C THR A 106 4.48 -5.15 -3.15
N LEU A 107 4.13 -6.38 -3.49
CA LEU A 107 4.38 -6.92 -4.80
CA LEU A 107 4.43 -6.96 -4.78
C LEU A 107 3.35 -8.01 -5.05
N VAL A 108 2.78 -8.00 -6.26
CA VAL A 108 1.69 -8.87 -6.60
C VAL A 108 2.18 -10.05 -7.50
N LEU A 109 1.73 -11.26 -7.16
CA LEU A 109 2.17 -12.49 -7.85
C LEU A 109 1.04 -13.16 -8.64
N ALA A 110 -0.18 -12.66 -8.51
CA ALA A 110 -1.34 -13.16 -9.25
C ALA A 110 -2.35 -12.01 -9.34
N ASN A 111 -3.33 -12.16 -10.21
CA ASN A 111 -4.44 -11.24 -10.25
C ASN A 111 -5.19 -11.34 -8.93
N ILE A 112 -5.41 -10.19 -8.28
CA ILE A 112 -6.11 -10.11 -7.02
C ILE A 112 -7.35 -9.18 -7.13
N ASP A 113 -7.97 -9.15 -8.32
CA ASP A 113 -9.16 -8.32 -8.56
C ASP A 113 -10.40 -8.86 -7.80
N ASP A 114 -10.35 -10.12 -7.39
CA ASP A 114 -11.41 -10.68 -6.58
C ASP A 114 -11.47 -10.03 -5.16
N LEU A 115 -10.46 -9.26 -4.77
CA LEU A 115 -10.55 -8.46 -3.54
C LEU A 115 -11.70 -7.44 -3.61
N PHE A 116 -12.14 -7.08 -4.81
CA PHE A 116 -13.25 -6.13 -4.94
C PHE A 116 -14.63 -6.76 -4.67
N ASP A 117 -14.69 -8.08 -4.54
CA ASP A 117 -15.85 -8.76 -3.97
C ASP A 117 -16.04 -8.48 -2.47
N ARG A 118 -15.01 -7.96 -1.81
CA ARG A 118 -15.02 -7.74 -0.36
CA ARG A 118 -15.05 -7.75 -0.36
C ARG A 118 -15.59 -6.37 -0.01
N GLU A 119 -15.96 -6.19 1.26
CA GLU A 119 -16.53 -4.95 1.78
CA GLU A 119 -16.47 -4.92 1.71
C GLU A 119 -15.57 -4.33 2.80
N GLU A 120 -15.60 -3.01 2.91
CA GLU A 120 -14.94 -2.30 3.99
C GLU A 120 -15.36 -2.81 5.36
N LEU A 121 -14.41 -2.99 6.29
CA LEU A 121 -12.97 -3.01 6.05
C LEU A 121 -12.51 -4.48 6.05
N SER A 122 -12.00 -4.94 4.92
CA SER A 122 -11.41 -6.27 4.82
C SER A 122 -9.89 -6.17 4.72
N ALA A 123 -9.21 -7.01 5.50
CA ALA A 123 -7.78 -6.88 5.70
C ALA A 123 -7.24 -8.21 6.25
N ALA A 124 -5.97 -8.52 5.99
CA ALA A 124 -5.36 -9.78 6.50
C ALA A 124 -4.85 -9.58 7.94
N PRO A 125 -4.84 -10.64 8.72
CA PRO A 125 -4.22 -10.53 10.06
C PRO A 125 -2.72 -10.18 10.01
N ASP A 126 -2.31 -9.36 10.97
CA ASP A 126 -0.92 -9.01 11.19
C ASP A 126 -0.18 -10.16 11.93
N PRO A 127 0.97 -10.59 11.43
CA PRO A 127 1.74 -11.54 12.23
C PRO A 127 2.24 -10.87 13.51
N GLY A 128 2.45 -11.63 14.55
CA GLY A 128 2.90 -11.01 15.79
C GLY A 128 1.76 -10.60 16.71
N TRP A 129 0.75 -9.90 16.17
CA TRP A 129 -0.52 -9.70 16.90
C TRP A 129 -1.75 -9.88 15.98
N PRO A 130 -2.15 -11.14 15.73
CA PRO A 130 -3.10 -11.47 14.66
C PRO A 130 -4.57 -11.14 14.92
N ASP A 131 -4.92 -10.62 16.10
CA ASP A 131 -6.22 -9.96 16.30
C ASP A 131 -6.26 -8.53 15.83
N CYS A 132 -5.12 -8.04 15.34
CA CYS A 132 -5.07 -6.81 14.57
C CYS A 132 -4.83 -7.14 13.11
N PHE A 133 -5.47 -6.37 12.23
CA PHE A 133 -5.22 -6.51 10.83
C PHE A 133 -4.04 -5.64 10.44
N ASN A 134 -3.26 -6.12 9.48
CA ASN A 134 -2.16 -5.34 8.91
C ASN A 134 -2.74 -4.38 7.93
N SER A 135 -2.28 -3.12 8.00
CA SER A 135 -2.89 -2.05 7.25
C SER A 135 -2.16 -1.79 5.91
N GLY A 136 -1.30 -2.75 5.51
CA GLY A 136 -0.60 -2.70 4.25
C GLY A 136 -1.44 -3.14 3.06
N VAL A 137 -2.52 -3.88 3.30
CA VAL A 137 -3.44 -4.31 2.24
C VAL A 137 -4.86 -4.34 2.78
N PHE A 138 -5.73 -3.49 2.23
CA PHE A 138 -7.10 -3.49 2.71
C PHE A 138 -8.11 -2.96 1.72
N VAL A 139 -9.35 -3.48 1.86
CA VAL A 139 -10.44 -3.07 0.95
C VAL A 139 -11.29 -2.09 1.74
N TYR A 140 -11.58 -0.94 1.12
CA TYR A 140 -12.27 0.14 1.79
C TYR A 140 -13.14 0.91 0.83
N GLN A 141 -14.02 1.71 1.40
CA GLN A 141 -14.95 2.53 0.62
C GLN A 141 -14.67 3.99 0.88
N PRO A 142 -14.12 4.70 -0.12
CA PRO A 142 -13.86 6.14 0.08
C PRO A 142 -15.11 6.91 0.54
N SER A 143 -14.90 7.82 1.48
CA SER A 143 -15.95 8.52 2.18
C SER A 143 -15.30 9.73 2.92
N VAL A 144 -15.85 10.94 2.70
CA VAL A 144 -15.38 12.14 3.39
C VAL A 144 -15.63 12.00 4.91
N GLU A 145 -16.76 11.37 5.25
CA GLU A 145 -17.14 11.17 6.63
C GLU A 145 -16.12 10.26 7.34
N THR A 146 -15.88 9.08 6.78
CA THR A 146 -14.91 8.14 7.32
C THR A 146 -13.51 8.79 7.44
N TYR A 147 -13.10 9.46 6.39
CA TYR A 147 -11.89 10.27 6.41
C TYR A 147 -11.80 11.24 7.57
N ASN A 148 -12.82 12.10 7.73
CA ASN A 148 -12.84 13.09 8.83
C ASN A 148 -12.81 12.43 10.24
N GLN A 149 -13.43 11.26 10.36
CA GLN A 149 -13.40 10.53 11.62
C GLN A 149 -12.04 9.92 11.93
N LEU A 150 -11.35 9.46 10.90
CA LEU A 150 -9.99 8.94 11.05
C LEU A 150 -9.02 10.07 11.40
N LEU A 151 -9.21 11.23 10.81
CA LEU A 151 -8.42 12.41 11.17
C LEU A 151 -8.63 12.78 12.64
N HIS A 152 -9.87 12.74 13.10
CA HIS A 152 -10.18 13.08 14.47
C HIS A 152 -9.48 12.12 15.41
N LEU A 153 -9.55 10.83 15.08
CA LEU A 153 -8.93 9.80 15.92
C LEU A 153 -7.40 9.93 15.93
N ALA A 154 -6.81 10.23 14.78
CA ALA A 154 -5.39 10.55 14.72
C ALA A 154 -5.03 11.74 15.60
N SER A 155 -5.88 12.78 15.60
CA SER A 155 -5.68 13.93 16.43
C SER A 155 -5.72 13.58 17.93
N GLU A 156 -6.74 12.82 18.33
CA GLU A 156 -6.95 12.44 19.73
C GLU A 156 -5.93 11.47 20.25
N GLN A 157 -5.61 10.48 19.44
CA GLN A 157 -4.93 9.29 19.93
C GLN A 157 -3.45 9.29 19.50
N GLY A 158 -3.16 9.91 18.36
CA GLY A 158 -1.80 9.89 17.79
C GLY A 158 -1.36 8.48 17.39
N SER A 159 -0.05 8.30 17.23
CA SER A 159 0.52 7.02 16.79
C SER A 159 1.93 6.88 17.34
N PHE A 160 2.13 5.95 18.27
CA PHE A 160 3.46 5.76 18.84
C PHE A 160 4.55 5.56 17.76
N ASP A 161 4.29 4.69 16.77
CA ASP A 161 5.31 4.37 15.75
C ASP A 161 5.15 5.15 14.44
N GLY A 162 4.13 6.01 14.37
CA GLY A 162 3.94 6.89 13.22
C GLY A 162 3.16 6.19 12.12
N GLY A 163 2.79 4.93 12.39
CA GLY A 163 1.95 4.17 11.49
C GLY A 163 0.46 4.39 11.67
N ASP A 164 -0.29 3.96 10.68
CA ASP A 164 -1.73 4.09 10.71
C ASP A 164 -2.43 2.85 11.23
N GLN A 165 -1.69 1.78 11.48
CA GLN A 165 -2.33 0.50 11.82
C GLN A 165 -3.15 0.56 13.09
N GLY A 166 -2.63 1.26 14.10
CA GLY A 166 -3.32 1.35 15.39
C GLY A 166 -4.61 2.12 15.26
N ILE A 167 -4.56 3.22 14.51
CA ILE A 167 -5.72 4.05 14.28
C ILE A 167 -6.81 3.31 13.52
N LEU A 168 -6.43 2.61 12.45
CA LEU A 168 -7.37 1.88 11.64
C LEU A 168 -7.98 0.72 12.40
N ASN A 169 -7.20 0.08 13.27
CA ASN A 169 -7.73 -0.98 14.11
C ASN A 169 -8.64 -0.46 15.24
N THR A 170 -8.31 0.67 15.82
CA THR A 170 -9.21 1.34 16.78
C THR A 170 -10.56 1.70 16.11
N PHE A 171 -10.51 2.27 14.90
CA PHE A 171 -11.75 2.69 14.25
C PHE A 171 -12.55 1.48 13.84
N PHE A 172 -11.87 0.50 13.23
CA PHE A 172 -12.51 -0.71 12.75
C PHE A 172 -12.25 -1.84 13.75
N SER A 173 -12.81 -1.68 14.95
CA SER A 173 -12.44 -2.51 16.08
C SER A 173 -13.26 -3.80 16.16
N SER A 174 -14.25 -3.95 15.29
CA SER A 174 -14.98 -5.20 15.26
C SER A 174 -14.32 -6.26 14.38
N TRP A 175 -13.22 -5.93 13.69
CA TRP A 175 -12.62 -6.83 12.69
C TRP A 175 -12.31 -8.24 13.24
N ALA A 176 -11.75 -8.30 14.45
CA ALA A 176 -11.28 -9.58 15.04
C ALA A 176 -12.40 -10.56 15.35
N THR A 177 -13.57 -10.04 15.69
CA THR A 177 -14.65 -10.84 16.24
C THR A 177 -15.90 -10.88 15.37
N THR A 178 -15.87 -10.19 14.23
CA THR A 178 -17.07 -9.99 13.43
C THR A 178 -16.79 -10.26 11.95
N ASP A 179 -17.61 -11.11 11.38
CA ASP A 179 -17.67 -11.39 9.96
C ASP A 179 -16.34 -11.88 9.45
N ILE A 180 -16.21 -13.19 9.38
CA ILE A 180 -15.02 -13.80 8.85
C ILE A 180 -14.74 -13.38 7.38
N ARG A 181 -15.76 -12.90 6.66
CA ARG A 181 -15.52 -12.53 5.24
C ARG A 181 -14.68 -11.31 5.15
N LYS A 182 -14.56 -10.58 6.27
CA LYS A 182 -13.67 -9.44 6.33
C LYS A 182 -12.23 -9.77 6.71
N HIS A 183 -11.94 -11.03 6.94
CA HIS A 183 -10.54 -11.48 7.07
C HIS A 183 -10.02 -11.94 5.72
N LEU A 184 -9.18 -11.12 5.08
CA LEU A 184 -8.46 -11.57 3.88
C LEU A 184 -7.54 -12.74 4.22
N PRO A 185 -7.47 -13.73 3.32
CA PRO A 185 -6.45 -14.76 3.52
C PRO A 185 -5.05 -14.13 3.61
N PHE A 186 -4.21 -14.71 4.45
CA PHE A 186 -2.88 -14.23 4.67
C PHE A 186 -2.08 -14.17 3.34
N ILE A 187 -2.38 -15.08 2.40
CA ILE A 187 -1.73 -15.03 1.09
C ILE A 187 -1.99 -13.74 0.26
N TYR A 188 -2.95 -12.90 0.69
CA TYR A 188 -3.12 -11.57 0.08
C TYR A 188 -2.30 -10.49 0.76
N ASN A 189 -1.52 -10.83 1.78
CA ASN A 189 -0.64 -9.88 2.45
C ASN A 189 0.36 -10.70 3.25
N LEU A 190 1.27 -11.36 2.53
CA LEU A 190 2.19 -12.34 3.11
C LEU A 190 3.43 -11.63 3.63
N SER A 191 3.43 -11.33 4.93
CA SER A 191 4.31 -10.33 5.51
C SER A 191 5.18 -10.92 6.61
N SER A 192 5.31 -12.25 6.62
CA SER A 192 6.16 -12.99 7.56
C SER A 192 7.57 -13.18 7.02
N ILE A 193 7.80 -12.71 5.79
CA ILE A 193 9.02 -13.01 5.05
C ILE A 193 10.23 -12.53 5.86
N SER A 194 11.31 -13.33 5.81
CA SER A 194 12.59 -13.13 6.54
C SER A 194 13.08 -14.45 7.17
N PRO A 200 8.23 -24.08 7.87
CA PRO A 200 7.31 -25.22 7.63
C PRO A 200 5.98 -24.81 6.97
N ALA A 201 5.41 -23.69 7.41
CA ALA A 201 4.14 -23.19 6.89
C ALA A 201 4.28 -22.61 5.48
N PHE A 202 5.37 -21.87 5.25
CA PHE A 202 5.66 -21.32 3.92
C PHE A 202 6.17 -22.40 2.96
N LYS A 203 6.53 -23.56 3.49
CA LYS A 203 6.81 -24.74 2.64
C LYS A 203 5.50 -25.24 2.02
N VAL A 204 4.50 -25.52 2.87
CA VAL A 204 3.18 -25.97 2.40
C VAL A 204 2.46 -24.89 1.55
N PHE A 205 2.27 -23.70 2.11
CA PHE A 205 1.34 -22.71 1.54
C PHE A 205 2.00 -21.48 0.89
N GLY A 206 3.30 -21.28 1.11
CA GLY A 206 4.01 -20.07 0.63
C GLY A 206 4.16 -20.00 -0.88
N ALA A 207 3.98 -21.16 -1.54
CA ALA A 207 4.02 -21.23 -3.02
C ALA A 207 2.77 -20.60 -3.66
N SER A 208 1.70 -20.45 -2.86
CA SER A 208 0.43 -19.93 -3.35
C SER A 208 0.21 -18.44 -2.95
N ALA A 209 1.28 -17.74 -2.57
CA ALA A 209 1.22 -16.33 -2.24
C ALA A 209 0.65 -15.53 -3.41
N LYS A 210 -0.25 -14.59 -3.10
CA LYS A 210 -0.73 -13.63 -4.09
C LYS A 210 -0.06 -12.28 -3.95
N VAL A 211 0.22 -11.88 -2.72
CA VAL A 211 0.88 -10.63 -2.42
C VAL A 211 1.96 -10.89 -1.38
N VAL A 212 3.16 -10.43 -1.70
CA VAL A 212 4.30 -10.36 -0.76
C VAL A 212 4.48 -8.92 -0.25
N HIS A 213 4.70 -8.80 1.06
CA HIS A 213 4.85 -7.51 1.73
C HIS A 213 6.20 -7.52 2.49
N PHE A 214 7.09 -6.62 2.09
CA PHE A 214 8.44 -6.56 2.65
C PHE A 214 8.40 -5.69 3.89
N LEU A 215 7.51 -6.08 4.79
CA LEU A 215 7.29 -5.41 6.05
C LEU A 215 8.59 -5.44 6.85
N GLY A 216 8.89 -4.34 7.55
CA GLY A 216 10.10 -4.25 8.37
C GLY A 216 11.15 -3.30 7.81
N ARG A 217 12.27 -3.21 8.53
CA ARG A 217 13.28 -2.11 8.37
C ARG A 217 13.80 -1.94 6.94
N VAL A 218 14.41 -2.99 6.39
CA VAL A 218 15.10 -2.88 5.10
C VAL A 218 14.21 -3.27 3.91
N LYS A 219 14.03 -2.34 2.99
CA LYS A 219 13.15 -2.51 1.86
C LYS A 219 14.01 -3.02 0.70
N PRO A 220 13.39 -3.67 -0.28
CA PRO A 220 14.17 -4.27 -1.37
C PRO A 220 15.12 -3.28 -2.07
N TRP A 221 14.65 -2.04 -2.26
CA TRP A 221 15.40 -1.00 -2.95
C TRP A 221 16.56 -0.47 -2.11
N ASN A 222 16.62 -0.81 -0.82
CA ASN A 222 17.80 -0.47 -0.01
C ASN A 222 18.95 -1.41 -0.24
N TYR A 223 18.71 -2.53 -0.93
CA TYR A 223 19.79 -3.44 -1.30
C TYR A 223 20.56 -2.95 -2.50
N THR A 224 21.79 -3.43 -2.60
CA THR A 224 22.65 -3.18 -3.75
C THR A 224 22.52 -4.35 -4.68
N TYR A 225 22.02 -4.08 -5.89
CA TYR A 225 21.82 -5.13 -6.89
C TYR A 225 23.04 -5.23 -7.79
N ASP A 226 23.45 -6.48 -8.05
CA ASP A 226 24.59 -6.77 -8.87
C ASP A 226 24.15 -7.50 -10.15
N PRO A 227 24.13 -6.80 -11.30
CA PRO A 227 23.87 -7.42 -12.61
C PRO A 227 24.75 -8.65 -12.88
N LYS A 228 26.00 -8.59 -12.43
CA LYS A 228 26.96 -9.63 -12.70
C LYS A 228 26.56 -11.00 -12.11
N THR A 229 25.82 -10.98 -11.00
CA THR A 229 25.36 -12.22 -10.36
C THR A 229 23.87 -12.39 -10.43
N LYS A 230 23.18 -11.37 -10.95
CA LYS A 230 21.70 -11.27 -10.90
C LYS A 230 21.13 -11.49 -9.50
N SER A 231 21.82 -10.95 -8.51
CA SER A 231 21.31 -10.97 -7.14
C SER A 231 21.79 -9.75 -6.33
N VAL A 232 21.32 -9.68 -5.08
CA VAL A 232 21.70 -8.59 -4.18
C VAL A 232 22.95 -8.90 -3.40
N LYS A 233 23.51 -7.89 -2.75
CA LYS A 233 24.67 -8.11 -1.90
C LYS A 233 24.24 -8.05 -0.44
N SER A 234 24.86 -8.91 0.38
CA SER A 234 24.69 -8.87 1.84
C SER A 234 25.49 -7.71 2.45
N HIS A 243 13.80 -17.96 2.09
CA HIS A 243 13.34 -17.56 0.76
C HIS A 243 13.82 -16.15 0.38
N PRO A 244 15.09 -16.04 -0.06
CA PRO A 244 15.62 -14.85 -0.76
C PRO A 244 14.93 -14.63 -2.12
N GLU A 245 14.10 -15.59 -2.52
CA GLU A 245 13.38 -15.54 -3.78
C GLU A 245 12.53 -14.27 -4.01
N PHE A 246 11.82 -13.82 -2.97
CA PHE A 246 10.90 -12.69 -3.14
C PHE A 246 11.67 -11.41 -3.45
N LEU A 247 12.76 -11.22 -2.73
CA LEU A 247 13.69 -10.16 -2.97
C LEU A 247 14.25 -10.18 -4.41
N ILE A 248 14.63 -11.37 -4.89
CA ILE A 248 15.06 -11.54 -6.28
C ILE A 248 13.93 -11.16 -7.24
N LEU A 249 12.69 -11.55 -6.91
CA LEU A 249 11.56 -11.27 -7.81
C LEU A 249 11.31 -9.77 -7.91
N TRP A 250 11.33 -9.08 -6.76
CA TRP A 250 11.22 -7.61 -6.75
C TRP A 250 12.21 -7.00 -7.73
N TRP A 251 13.47 -7.38 -7.59
CA TRP A 251 14.52 -6.85 -8.45
C TRP A 251 14.38 -7.33 -9.91
N ASN A 252 13.81 -8.52 -10.11
CA ASN A 252 13.47 -9.02 -11.45
C ASN A 252 12.42 -8.13 -12.14
N ILE A 253 11.40 -7.73 -11.40
CA ILE A 253 10.37 -6.85 -11.94
C ILE A 253 10.94 -5.47 -12.22
N PHE A 254 11.72 -4.97 -11.26
CA PHE A 254 12.38 -3.69 -11.39
C PHE A 254 13.27 -3.63 -12.64
N THR A 255 14.14 -4.62 -12.83
CA THR A 255 15.04 -4.59 -13.99
C THR A 255 14.30 -4.89 -15.31
N THR A 256 13.40 -5.87 -15.30
CA THR A 256 12.73 -6.30 -16.55
C THR A 256 11.62 -5.33 -16.97
N ASN A 257 10.79 -4.95 -16.00
CA ASN A 257 9.50 -4.30 -16.30
C ASN A 257 9.50 -2.79 -16.03
N VAL A 258 10.19 -2.33 -14.99
CA VAL A 258 10.23 -0.89 -14.69
C VAL A 258 11.28 -0.18 -15.56
N LEU A 259 12.50 -0.68 -15.54
CA LEU A 259 13.61 0.01 -16.22
C LEU A 259 13.32 0.36 -17.69
N PRO A 260 12.74 -0.58 -18.45
CA PRO A 260 12.51 -0.26 -19.86
C PRO A 260 11.35 0.70 -20.13
N LEU A 261 10.54 1.02 -19.12
CA LEU A 261 9.57 2.12 -19.23
C LEU A 261 10.27 3.44 -19.47
N LEU A 262 11.57 3.45 -19.21
CA LEU A 262 12.41 4.64 -19.34
C LEU A 262 12.90 4.79 -20.78
N GLN A 263 12.66 3.75 -21.58
CA GLN A 263 12.80 3.79 -23.04
C GLN A 263 14.24 4.02 -23.48
N1 UPG B . 5.61 5.41 3.23
N1 UPG B . 5.61 5.41 3.23
C2 UPG B . 6.08 6.44 2.46
C2 UPG B . 6.08 6.44 2.46
N3 UPG B . 7.18 7.16 2.88
N3 UPG B . 7.18 7.16 2.88
C4 UPG B . 7.81 6.83 4.08
C4 UPG B . 7.80 6.84 4.08
C5 UPG B . 7.33 5.78 4.88
C5 UPG B . 7.32 5.78 4.88
C6 UPG B . 6.22 5.06 4.45
C6 UPG B . 6.22 5.07 4.45
O2 UPG B . 5.53 6.69 1.39
O2 UPG B . 5.53 6.69 1.38
O4 UPG B . 8.79 7.48 4.42
O4 UPG B . 8.78 7.48 4.42
C1C UPG B . 4.42 4.70 2.77
C1C UPG B . 4.42 4.70 2.76
C2C UPG B . 4.75 3.58 1.83
C2C UPG B . 4.75 3.58 1.83
O2C UPG B . 3.64 3.40 0.97
O2C UPG B . 3.63 3.39 0.97
C3C UPG B . 4.87 2.42 2.80
C3C UPG B . 4.87 2.42 2.81
C4C UPG B . 3.68 2.70 3.72
C4C UPG B . 3.68 2.70 3.72
O4C UPG B . 3.76 4.14 3.94
O4C UPG B . 3.76 4.14 3.94
O3C UPG B . 4.74 1.18 2.10
O3C UPG B . 4.74 1.18 2.11
C5C UPG B . 3.91 2.07 5.09
C5C UPG B . 3.89 2.07 5.08
O5C UPG B . 5.29 2.14 5.46
O5C UPG B . 5.27 2.13 5.48
PA UPG B . 6.13 0.80 5.52
PA UPG B . 6.12 0.80 5.52
O1A UPG B . 5.68 -0.23 4.48
O1A UPG B . 5.67 -0.22 4.47
O2A UPG B . 7.53 1.25 5.59
O2A UPG B . 7.52 1.26 5.57
O3A UPG B . 5.70 0.22 6.99
O3A UPG B . 5.74 0.17 6.96
PB UPG B . 5.79 -1.41 7.32
PB UPG B . 5.95 -1.45 7.20
O1B UPG B . 4.92 -2.09 6.27
O1B UPG B . 5.02 -2.15 6.24
O2B UPG B . 7.21 -1.75 7.38
O2B UPG B . 7.39 -1.72 7.10
O3B UPG B . 5.22 -1.37 8.83
O3B UPG B . 5.52 -1.50 8.71
C1' UPG B . 3.83 -1.82 9.29
C1' UPG B . 4.09 -1.43 9.12
C2' UPG B . 2.65 -1.90 8.31
C2' UPG B . 3.22 -2.41 8.28
C3' UPG B . 2.49 -0.59 7.53
C3' UPG B . 2.09 -1.80 7.47
C4' UPG B . 2.09 0.51 8.52
C4' UPG B . 1.47 -0.56 8.07
C5' UPG B . 2.61 0.27 9.95
C5' UPG B . 2.48 0.45 8.61
C6' UPG B . 1.28 0.54 10.65
C6' UPG B . 1.62 1.51 9.38
O2' UPG B . 2.79 -3.04 7.47
O2' UPG B . 4.07 -3.05 7.33
O3' UPG B . 1.47 -0.75 6.54
O3' UPG B . 1.06 -2.76 7.38
O4' UPG B . 2.50 1.83 8.09
O4' UPG B . 0.76 0.06 7.00
O5' UPG B . 3.22 -1.02 10.37
O5' UPG B . 3.65 -0.02 9.36
O6' UPG B . 1.47 1.26 11.86
O6' UPG B . 1.35 1.16 10.76
MN MN C . 4.72 -1.95 4.31
MG MG D . -13.05 11.42 19.97
MG MG D . -14.24 13.05 20.12
C1 EDO E . -7.12 13.35 -2.96
O1 EDO E . -7.97 14.26 -3.68
C2 EDO E . -6.32 14.08 -1.88
O2 EDO E . -7.21 14.88 -1.11
C1 EDO F . -18.71 9.56 -0.64
O1 EDO F . -19.75 9.71 -1.61
C2 EDO F . -19.11 10.19 0.69
O2 EDO F . -18.17 11.25 0.99
C1 EDO G . -6.85 -13.42 12.70
O1 EDO G . -7.36 -12.73 13.86
C2 EDO G . -7.62 -14.73 12.49
O2 EDO G . -7.37 -15.24 11.17
C1 EDO H . -15.38 -3.34 10.14
O1 EDO H . -15.79 -3.31 8.77
C2 EDO H . -14.62 -4.60 10.58
O2 EDO H . -13.78 -5.19 9.56
C1 EDO I . 2.81 5.71 7.96
O1 EDO I . 3.99 4.89 7.91
C2 EDO I . 1.78 5.14 7.00
O2 EDO I . 0.91 4.28 7.75
C1 EDO J . -18.03 10.85 15.62
O1 EDO J . -18.51 11.70 14.58
C2 EDO J . -16.95 11.53 16.47
O2 EDO J . -15.75 11.79 15.71
C1 EDO K . -17.10 2.47 12.43
O1 EDO K . -18.32 2.18 13.12
C2 EDO K . -16.85 1.40 11.39
O2 EDO K . -16.25 0.28 12.02
C1 EDO L . -3.50 12.87 -13.29
O1 EDO L . -3.79 12.66 -11.89
C2 EDO L . -2.70 11.68 -13.81
O2 EDO L . -1.48 11.54 -13.06
C1 EDO M . 5.48 20.64 0.43
O1 EDO M . 4.85 21.78 1.04
C2 EDO M . 6.87 20.43 1.01
O2 EDO M . 7.18 19.03 0.98
C1 EDO N . 5.75 16.18 -13.03
O1 EDO N . 4.75 17.12 -12.62
C2 EDO N . 5.31 15.47 -14.32
O2 EDO N . 3.91 15.68 -14.57
C1 EDO O . -0.44 28.04 1.59
O1 EDO O . -1.40 27.65 0.60
C2 EDO O . 0.40 26.83 2.03
O2 EDO O . 0.26 26.59 3.44
C1 EDO P . -25.01 8.53 8.69
O1 EDO P . -24.99 9.85 8.16
C2 EDO P . -23.80 8.36 9.61
O2 EDO P . -22.83 7.54 8.96
#